data_4FWG
#
_entry.id   4FWG
#
_cell.length_a   115.987
_cell.length_b   115.987
_cell.length_c   135.054
_cell.angle_alpha   90.00
_cell.angle_beta   90.00
_cell.angle_gamma   120.00
#
_symmetry.space_group_name_H-M   'P 6'
#
loop_
_entity.id
_entity.type
_entity.pdbx_description
1 polymer 'TTC1975 peptidase'
2 non-polymer 'Omuralide, open form'
3 non-polymer 'PHOSPHATE ION'
4 water water
#
_entity_poly.entity_id   1
_entity_poly.type   'polypeptide(L)'
_entity_poly.pdbx_seq_one_letter_code
;(MSE)RLSYEALEWRTPIENSTEPVSLPPPPPFFGQERAREALELAIRGGFHAYLVGPPSLGKHEALLAYLSTQSVETPP
DLLYVPLSERKVAV(MSE)TLPSGQEIHLAEAVEGLLLEVNRLDELFRQGSFLREKTQLEARFKEAREQQLEALRREAQE
AGFALSTNGERLELTGPGPVPAELSARLEEVTLGS(MSE)AASAELEVALRRLRRDWALHYLNNRFEPLFQRFPQARAYL
EALRARLARYAETGEPLDPAQWRPNLLTSSSSGTPPPIVYEPYATAPRLFGRLDYLVDRGVWSTNVSLIRPGAVHRAQGG
YLILDALSLKREGTWEAFKRALRNGQVEPVTEPQAPAGLEVEPFPIQ(MSE)QV(MSE)LVGTPEAFEGLEEDPAFSELF
RIRAEFSPT(MSE)PASPENCTALGGWLLAQGFQLTQGGLTRLYDEARR(MSE)AEQRDR(MSE)DARLVEIRALAEEAA
VLGGGLLTAESVEQAIAAREHRSFLSEEEFLRAVQEGVIRLRTTGRAVGEVNSLVVVEAAPYWGRPARLTARAAPGRDHL
ISIDREAGLGGQIFHKAVLTLAGYLRSR(MSE)IEHGSLPVTISLAFEQNYVSIEGDSAGLAELVAALSAIGNLPLRQDL
AVTGAVDQTGKVLAVGAINAKVEGFFRVCKALGLSGTQGVILPEANLANLTLRAEVLEAVRAGQFHIYAVETAEQALEIL
AGAR(MSE)EGFRGLQEKIRAGLEAFARLEEGHDKEDREKLAAALEHHHHHH
;
_entity_poly.pdbx_strand_id   A
#
# COMPACT_ATOMS: atom_id res chain seq x y z
N ARG A 2 23.63 -24.47 -4.50
CA ARG A 2 23.88 -23.46 -5.49
C ARG A 2 22.63 -23.22 -6.31
N LEU A 3 22.26 -21.97 -6.57
CA LEU A 3 21.09 -21.70 -7.45
C LEU A 3 21.57 -21.52 -8.91
N SER A 4 21.15 -22.39 -9.82
CA SER A 4 21.61 -22.33 -11.17
C SER A 4 20.78 -21.20 -11.81
N TYR A 5 21.21 -20.78 -13.00
CA TYR A 5 20.43 -19.83 -13.85
C TYR A 5 19.06 -20.36 -14.11
N GLU A 6 18.98 -21.69 -14.31
CA GLU A 6 17.70 -22.32 -14.66
C GLU A 6 16.77 -22.22 -13.48
N ALA A 7 17.32 -22.38 -12.28
CA ALA A 7 16.50 -22.18 -11.07
C ALA A 7 16.04 -20.76 -10.81
N LEU A 8 16.82 -19.76 -11.24
CA LEU A 8 16.52 -18.34 -10.94
C LEU A 8 15.66 -17.70 -11.91
N GLU A 9 15.56 -18.24 -13.15
CA GLU A 9 14.89 -17.50 -14.26
C GLU A 9 13.39 -17.54 -13.94
N TRP A 10 12.62 -16.46 -14.16
CA TRP A 10 11.28 -16.41 -13.57
C TRP A 10 10.53 -15.65 -14.56
N ARG A 11 11.18 -15.08 -15.55
CA ARG A 11 10.39 -14.17 -16.50
C ARG A 11 9.57 -14.99 -17.59
N THR A 12 8.60 -14.34 -18.23
CA THR A 12 7.63 -15.05 -18.98
C THR A 12 8.10 -15.08 -20.46
N PRO A 13 8.07 -16.26 -21.08
CA PRO A 13 8.64 -16.26 -22.43
C PRO A 13 7.75 -15.45 -23.34
N ILE A 14 8.31 -14.70 -24.28
CA ILE A 14 7.45 -13.85 -25.16
C ILE A 14 7.47 -14.42 -26.60
N GLU A 15 6.32 -14.84 -27.13
CA GLU A 15 6.24 -15.19 -28.52
C GLU A 15 5.60 -14.06 -29.30
N ASN A 16 6.07 -13.83 -30.49
CA ASN A 16 5.51 -12.76 -31.28
C ASN A 16 5.34 -11.43 -30.52
N SER A 17 6.49 -10.91 -30.06
CA SER A 17 6.58 -9.67 -29.21
C SER A 17 5.74 -8.57 -29.78
N THR A 18 5.82 -8.36 -31.11
CA THR A 18 5.25 -7.14 -31.59
C THR A 18 3.83 -7.18 -31.99
N GLU A 19 3.20 -8.32 -32.01
CA GLU A 19 1.79 -8.41 -32.36
C GLU A 19 0.86 -7.66 -31.38
N PRO A 20 -0.07 -6.81 -31.87
CA PRO A 20 -1.04 -6.12 -31.08
C PRO A 20 -1.95 -7.12 -30.35
N VAL A 21 -2.22 -6.79 -29.09
CA VAL A 21 -3.09 -7.57 -28.19
C VAL A 21 -4.52 -7.14 -28.51
N SER A 22 -5.47 -8.10 -28.52
CA SER A 22 -6.85 -7.69 -28.45
C SER A 22 -7.61 -8.70 -27.56
N LEU A 23 -8.17 -8.14 -26.50
CA LEU A 23 -8.72 -8.88 -25.36
C LEU A 23 -9.89 -8.04 -24.86
N PRO A 24 -10.97 -8.71 -24.36
CA PRO A 24 -12.12 -8.00 -23.78
C PRO A 24 -11.78 -7.40 -22.37
N PRO A 25 -12.49 -6.31 -21.96
CA PRO A 25 -12.39 -5.62 -20.63
C PRO A 25 -12.84 -6.55 -19.55
N PRO A 26 -12.01 -6.78 -18.47
CA PRO A 26 -12.40 -7.78 -17.44
C PRO A 26 -13.50 -7.21 -16.59
N PRO A 27 -14.08 -8.03 -15.70
CA PRO A 27 -15.05 -7.47 -14.65
C PRO A 27 -14.36 -6.54 -13.55
N PRO A 28 -15.10 -5.56 -12.93
CA PRO A 28 -14.47 -4.51 -12.04
C PRO A 28 -13.58 -5.02 -10.90
N PHE A 29 -13.81 -6.24 -10.39
CA PHE A 29 -13.01 -6.89 -9.29
C PHE A 29 -12.15 -8.07 -9.60
N PHE A 30 -11.55 -8.10 -10.82
CA PHE A 30 -10.83 -9.27 -11.06
C PHE A 30 -9.69 -9.39 -10.06
N GLY A 31 -9.37 -10.58 -9.59
CA GLY A 31 -8.24 -10.79 -8.65
C GLY A 31 -8.52 -10.15 -7.21
N GLN A 32 -9.72 -9.64 -6.99
CA GLN A 32 -10.21 -9.09 -5.70
C GLN A 32 -11.58 -9.73 -5.30
N GLU A 33 -11.64 -11.04 -5.15
CA GLU A 33 -12.89 -11.76 -4.93
C GLU A 33 -13.43 -11.44 -3.55
N ARG A 34 -12.58 -11.48 -2.53
CA ARG A 34 -13.03 -10.90 -1.16
C ARG A 34 -13.91 -9.59 -1.26
N ALA A 35 -13.43 -8.58 -1.92
CA ALA A 35 -14.09 -7.31 -1.98
C ALA A 35 -15.27 -7.35 -2.76
N ARG A 36 -15.22 -8.06 -3.90
CA ARG A 36 -16.38 -8.22 -4.70
C ARG A 36 -17.54 -8.91 -3.95
N GLU A 37 -17.22 -10.00 -3.26
CA GLU A 37 -18.28 -10.67 -2.51
C GLU A 37 -18.83 -9.78 -1.35
N ALA A 38 -17.98 -8.90 -0.78
CA ALA A 38 -18.43 -8.10 0.38
C ALA A 38 -19.33 -7.06 -0.25
N LEU A 39 -18.96 -6.57 -1.41
CA LEU A 39 -19.85 -5.48 -1.94
C LEU A 39 -21.13 -6.03 -2.59
N GLU A 40 -21.10 -7.29 -3.00
CA GLU A 40 -22.36 -7.86 -3.50
C GLU A 40 -23.41 -7.93 -2.31
N LEU A 41 -22.93 -8.37 -1.17
CA LEU A 41 -23.76 -8.32 0.06
C LEU A 41 -24.29 -6.97 0.38
N ALA A 42 -23.46 -5.89 0.29
CA ALA A 42 -23.85 -4.58 0.81
C ALA A 42 -24.93 -4.12 -0.18
N ILE A 43 -24.70 -4.39 -1.44
CA ILE A 43 -25.72 -3.91 -2.50
C ILE A 43 -27.08 -4.68 -2.31
N ARG A 44 -26.99 -5.98 -2.13
CA ARG A 44 -28.23 -6.77 -2.01
C ARG A 44 -28.92 -6.35 -0.71
N GLY A 45 -28.16 -6.09 0.36
CA GLY A 45 -28.79 -5.84 1.66
C GLY A 45 -29.08 -4.42 2.07
N GLY A 46 -28.65 -3.47 1.25
CA GLY A 46 -28.70 -2.04 1.63
C GLY A 46 -27.73 -1.58 2.71
N PHE A 47 -26.66 -2.34 3.07
CA PHE A 47 -25.76 -1.92 4.13
C PHE A 47 -24.74 -0.86 3.64
N HIS A 48 -24.28 0.00 4.55
CA HIS A 48 -23.18 0.85 4.21
C HIS A 48 -21.89 0.06 4.23
N ALA A 49 -20.90 0.42 3.39
CA ALA A 49 -19.70 -0.48 3.43
C ALA A 49 -18.45 0.47 3.38
N TYR A 50 -17.33 -0.07 3.75
CA TYR A 50 -16.10 0.60 3.53
C TYR A 50 -15.09 -0.27 2.68
N LEU A 51 -14.43 0.40 1.76
CA LEU A 51 -13.46 -0.17 0.84
C LEU A 51 -12.07 0.18 1.31
N VAL A 52 -11.32 -0.83 1.76
CA VAL A 52 -10.10 -0.62 2.45
C VAL A 52 -9.00 -1.35 1.67
N GLY A 53 -7.91 -0.64 1.43
CA GLY A 53 -6.71 -1.27 0.87
C GLY A 53 -5.70 -0.21 0.48
N PRO A 54 -4.50 -0.63 0.18
CA PRO A 54 -3.42 0.33 -0.19
C PRO A 54 -3.71 1.32 -1.25
N PRO A 55 -2.87 2.41 -1.30
CA PRO A 55 -3.08 3.43 -2.35
C PRO A 55 -2.80 2.80 -3.76
N SER A 56 -3.43 3.32 -4.79
CA SER A 56 -3.19 2.92 -6.20
C SER A 56 -3.71 1.62 -6.62
N LEU A 57 -4.65 1.04 -5.88
CA LEU A 57 -5.21 -0.21 -6.34
C LEU A 57 -6.32 0.08 -7.30
N GLY A 58 -6.79 1.33 -7.40
CA GLY A 58 -7.97 1.62 -8.22
C GLY A 58 -9.34 1.28 -7.57
N LYS A 59 -9.41 1.36 -6.24
CA LYS A 59 -10.68 1.07 -5.50
C LYS A 59 -11.71 1.98 -6.03
N HIS A 60 -11.38 3.23 -6.21
CA HIS A 60 -12.53 4.13 -6.62
C HIS A 60 -13.04 3.79 -7.99
N GLU A 61 -12.10 3.51 -8.96
CA GLU A 61 -12.55 3.26 -10.32
C GLU A 61 -13.36 2.02 -10.36
N ALA A 62 -12.93 0.99 -9.63
CA ALA A 62 -13.62 -0.23 -9.67
C ALA A 62 -15.02 -0.08 -9.05
N LEU A 63 -15.14 0.78 -8.03
CA LEU A 63 -16.40 0.83 -7.35
C LEU A 63 -17.34 1.61 -8.28
N LEU A 64 -16.84 2.65 -8.88
CA LEU A 64 -17.78 3.50 -9.77
C LEU A 64 -18.22 2.63 -10.97
N ALA A 65 -17.39 1.68 -11.40
CA ALA A 65 -17.78 0.86 -12.58
C ALA A 65 -18.83 -0.13 -12.15
N TYR A 66 -18.61 -0.77 -10.99
CA TYR A 66 -19.60 -1.64 -10.42
C TYR A 66 -20.94 -0.98 -10.16
N LEU A 67 -20.96 0.20 -9.55
CA LEU A 67 -22.29 0.75 -9.18
C LEU A 67 -23.04 1.22 -10.45
N SER A 68 -22.29 1.65 -11.46
CA SER A 68 -22.88 2.05 -12.77
C SER A 68 -23.72 0.87 -13.44
N THR A 69 -23.51 -0.40 -13.02
CA THR A 69 -24.27 -1.55 -13.56
C THR A 69 -25.55 -1.90 -12.80
N GLN A 70 -25.87 -1.13 -11.76
CA GLN A 70 -26.93 -1.49 -10.88
C GLN A 70 -28.20 -0.78 -11.44
N SER A 71 -29.35 -1.12 -10.90
CA SER A 71 -30.63 -0.48 -11.30
C SER A 71 -31.45 -0.38 -10.06
N VAL A 72 -32.30 0.62 -9.97
CA VAL A 72 -33.16 0.71 -8.83
C VAL A 72 -34.32 1.37 -9.46
N GLU A 73 -35.47 1.34 -8.82
CA GLU A 73 -36.62 2.03 -9.37
C GLU A 73 -36.23 3.53 -9.44
N THR A 74 -36.59 4.24 -10.52
CA THR A 74 -36.46 5.72 -10.59
C THR A 74 -36.62 6.46 -9.26
N PRO A 75 -35.59 7.22 -8.83
CA PRO A 75 -35.72 7.90 -7.54
C PRO A 75 -36.86 8.94 -7.56
N PRO A 76 -37.54 9.14 -6.42
CA PRO A 76 -38.48 10.28 -6.31
C PRO A 76 -37.83 11.63 -6.46
N ASP A 77 -38.62 12.64 -6.82
CA ASP A 77 -38.25 14.01 -6.68
C ASP A 77 -38.01 14.28 -5.21
N LEU A 78 -37.06 15.16 -4.95
CA LEU A 78 -36.69 15.47 -3.60
C LEU A 78 -36.89 16.95 -3.54
N LEU A 79 -37.50 17.39 -2.44
CA LEU A 79 -37.67 18.84 -2.24
C LEU A 79 -37.77 19.30 -0.78
N TYR A 80 -37.44 20.55 -0.55
CA TYR A 80 -37.73 21.20 0.70
C TYR A 80 -39.09 21.83 0.53
N VAL A 81 -39.95 21.66 1.53
CA VAL A 81 -41.15 22.46 1.64
C VAL A 81 -41.13 23.30 2.95
N PRO A 82 -41.68 24.53 2.90
CA PRO A 82 -41.88 25.30 4.13
C PRO A 82 -43.02 24.73 4.99
N LEU A 83 -42.83 24.63 6.29
CA LEU A 83 -43.95 24.29 7.17
C LEU A 83 -44.38 25.54 7.94
N SER A 84 -43.61 26.61 7.75
CA SER A 84 -43.75 27.88 8.46
CA SER A 84 -43.73 27.87 8.48
C SER A 84 -42.73 28.82 7.85
N GLU A 85 -42.69 30.05 8.34
CA GLU A 85 -41.81 31.07 7.80
C GLU A 85 -40.43 30.83 8.37
N ARG A 86 -40.32 29.85 9.24
CA ARG A 86 -39.05 29.67 9.89
C ARG A 86 -38.71 28.18 10.02
N LYS A 87 -39.53 27.36 9.38
CA LYS A 87 -39.39 25.92 9.40
C LYS A 87 -39.49 25.34 7.99
N VAL A 88 -38.65 24.33 7.76
CA VAL A 88 -38.61 23.59 6.50
C VAL A 88 -38.39 22.08 6.73
N ALA A 89 -38.82 21.31 5.73
CA ALA A 89 -38.58 19.87 5.75
C ALA A 89 -38.28 19.35 4.40
N VAL A 90 -37.52 18.25 4.39
CA VAL A 90 -37.22 17.58 3.16
C VAL A 90 -38.35 16.57 2.95
N THR A 92 -40.27 13.62 -0.10
CA THR A 92 -40.29 13.01 -1.45
C THR A 92 -41.70 12.95 -2.02
N LEU A 93 -41.75 13.15 -3.32
CA LEU A 93 -42.93 12.90 -4.16
C LEU A 93 -42.54 12.01 -5.35
N PRO A 94 -43.50 11.21 -5.86
CA PRO A 94 -43.22 10.34 -7.04
C PRO A 94 -42.61 11.13 -8.19
N SER A 95 -41.71 10.47 -8.91
CA SER A 95 -40.86 11.10 -9.95
C SER A 95 -41.66 11.94 -10.95
N GLY A 96 -41.33 13.23 -11.09
CA GLY A 96 -41.95 14.06 -12.11
C GLY A 96 -43.14 14.86 -11.62
N GLN A 97 -43.66 14.45 -10.46
CA GLN A 97 -44.78 15.10 -9.80
C GLN A 97 -44.49 16.49 -9.22
N GLU A 98 -43.23 16.87 -9.02
CA GLU A 98 -42.98 18.19 -8.38
C GLU A 98 -43.35 19.32 -9.29
N ILE A 99 -43.11 19.14 -10.58
CA ILE A 99 -43.31 20.24 -11.51
C ILE A 99 -44.82 20.59 -11.51
N HIS A 100 -45.65 19.55 -11.32
CA HIS A 100 -47.13 19.65 -11.17
C HIS A 100 -47.60 20.28 -9.89
N LEU A 101 -46.92 20.03 -8.78
CA LEU A 101 -47.30 20.73 -7.55
C LEU A 101 -46.91 22.21 -7.65
N ALA A 102 -45.72 22.47 -8.17
CA ALA A 102 -45.18 23.82 -8.13
C ALA A 102 -46.09 24.74 -8.92
N GLU A 103 -46.83 24.13 -9.85
CA GLU A 103 -47.71 24.89 -10.71
C GLU A 103 -49.06 25.09 -10.08
N ALA A 104 -49.63 24.01 -9.53
CA ALA A 104 -50.77 24.12 -8.61
C ALA A 104 -50.49 25.21 -7.58
N VAL A 105 -49.28 25.22 -7.03
CA VAL A 105 -48.86 26.25 -6.06
C VAL A 105 -48.79 27.65 -6.69
N GLU A 106 -48.15 27.80 -7.85
CA GLU A 106 -48.02 29.13 -8.47
C GLU A 106 -49.41 29.65 -8.90
N GLY A 107 -50.24 28.77 -9.45
CA GLY A 107 -51.66 29.06 -9.63
C GLY A 107 -52.35 29.00 -8.27
N LEU A 108 -51.93 29.88 -7.36
CA LEU A 108 -52.61 30.20 -6.12
C LEU A 108 -52.20 31.63 -5.75
N LEU A 109 -51.90 32.38 -6.81
CA LEU A 109 -51.81 33.84 -6.83
C LEU A 109 -52.65 34.34 -8.02
N LEU A 110 -53.93 34.65 -7.83
CA LEU A 110 -54.61 34.56 -6.51
C LEU A 110 -55.79 33.58 -6.54
N GLN A 219 -54.95 15.49 -2.31
CA GLN A 219 -55.63 15.42 -3.61
C GLN A 219 -54.74 14.73 -4.68
N ARG A 220 -54.37 15.51 -5.71
CA ARG A 220 -53.31 15.18 -6.68
C ARG A 220 -51.99 14.82 -5.97
N PHE A 221 -51.83 15.30 -4.72
CA PHE A 221 -50.56 15.21 -3.95
C PHE A 221 -50.75 14.85 -2.48
N PRO A 222 -51.27 13.65 -2.21
CA PRO A 222 -51.43 13.12 -0.84
C PRO A 222 -50.21 13.30 0.09
N GLN A 223 -49.00 13.24 -0.49
CA GLN A 223 -47.74 13.27 0.25
C GLN A 223 -47.47 14.65 0.81
N ALA A 224 -48.01 15.65 0.13
CA ALA A 224 -47.75 17.04 0.46
C ALA A 224 -48.69 17.65 1.52
N ARG A 225 -49.40 16.81 2.28
CA ARG A 225 -50.42 17.29 3.22
C ARG A 225 -49.89 18.35 4.20
N ALA A 226 -48.81 17.99 4.92
CA ALA A 226 -48.20 18.90 5.90
C ALA A 226 -47.97 20.30 5.34
N TYR A 227 -47.36 20.39 4.17
CA TYR A 227 -47.07 21.68 3.60
C TYR A 227 -48.32 22.36 3.04
N LEU A 228 -49.28 21.58 2.58
CA LEU A 228 -50.41 22.21 1.88
C LEU A 228 -51.25 22.99 2.88
N GLU A 229 -51.40 22.43 4.07
CA GLU A 229 -52.16 23.02 5.16
C GLU A 229 -51.48 24.26 5.62
N ALA A 230 -50.21 24.10 6.01
CA ALA A 230 -49.40 25.23 6.43
C ALA A 230 -49.56 26.37 5.42
N LEU A 231 -49.65 26.00 4.14
CA LEU A 231 -49.87 26.98 3.06
C LEU A 231 -51.25 27.67 3.20
N ARG A 232 -52.31 26.88 3.42
CA ARG A 232 -53.64 27.47 3.60
C ARG A 232 -53.75 28.39 4.81
N ALA A 233 -53.34 27.93 5.98
CA ALA A 233 -53.39 28.76 7.18
C ALA A 233 -52.68 30.10 6.99
N ARG A 234 -51.73 30.18 6.05
CA ARG A 234 -51.05 31.46 5.78
C ARG A 234 -51.88 32.31 4.82
N LEU A 235 -52.63 31.64 3.94
CA LEU A 235 -53.56 32.31 3.06
C LEU A 235 -54.74 32.86 3.89
N ALA A 236 -55.26 32.00 4.75
CA ALA A 236 -56.24 32.35 5.78
C ALA A 236 -55.80 33.60 6.55
N ARG A 237 -54.64 33.51 7.19
CA ARG A 237 -54.11 34.63 7.98
C ARG A 237 -53.92 35.95 7.20
N TYR A 238 -53.62 35.90 5.90
CA TYR A 238 -53.51 37.17 5.16
C TYR A 238 -54.82 37.71 4.62
N ALA A 239 -55.81 36.81 4.57
CA ALA A 239 -57.21 37.17 4.44
C ALA A 239 -57.63 37.77 5.79
N GLU A 240 -57.59 36.92 6.82
CA GLU A 240 -57.71 37.27 8.25
C GLU A 240 -57.10 38.64 8.57
N THR A 241 -56.21 39.12 7.70
CA THR A 241 -55.53 40.41 7.86
C THR A 241 -54.94 40.91 6.52
N ASP A 246 -46.09 37.57 -1.44
CA ASP A 246 -46.07 38.03 -0.06
C ASP A 246 -46.13 36.84 0.92
N PRO A 247 -44.97 36.52 1.56
CA PRO A 247 -43.63 37.02 1.18
C PRO A 247 -43.16 36.24 -0.03
N ALA A 248 -44.10 35.39 -0.50
CA ALA A 248 -43.97 34.49 -1.62
C ALA A 248 -42.77 33.51 -1.45
N GLN A 249 -42.55 33.09 -0.19
CA GLN A 249 -41.51 32.11 0.19
C GLN A 249 -42.27 30.95 0.79
N TRP A 250 -43.08 30.34 -0.09
CA TRP A 250 -44.13 29.36 0.22
C TRP A 250 -44.26 28.31 -0.86
N ARG A 251 -43.45 28.47 -1.89
CA ARG A 251 -43.31 27.50 -2.96
C ARG A 251 -42.34 26.37 -2.55
N PRO A 252 -42.49 25.20 -3.19
CA PRO A 252 -41.55 24.08 -2.99
C PRO A 252 -40.21 24.41 -3.62
N ASN A 253 -39.16 23.76 -3.16
CA ASN A 253 -37.87 23.97 -3.76
C ASN A 253 -37.33 22.65 -4.20
N LEU A 254 -37.24 22.44 -5.53
CA LEU A 254 -36.79 21.17 -6.13
C LEU A 254 -35.31 20.98 -5.92
N LEU A 255 -34.93 19.85 -5.32
CA LEU A 255 -33.51 19.61 -5.00
C LEU A 255 -32.94 18.71 -6.10
N THR A 256 -33.68 17.67 -6.49
CA THR A 256 -33.22 16.79 -7.56
C THR A 256 -34.46 16.23 -8.19
N SER A 257 -34.29 15.80 -9.43
CA SER A 257 -35.30 15.10 -10.15
C SER A 257 -34.54 14.12 -10.99
N SER A 258 -35.11 12.98 -11.34
CA SER A 258 -34.37 12.05 -12.16
C SER A 258 -35.30 11.32 -13.14
N SER A 259 -34.77 10.97 -14.32
CA SER A 259 -35.60 10.33 -15.36
C SER A 259 -35.47 8.82 -15.37
N SER A 260 -34.40 8.25 -14.79
CA SER A 260 -34.40 6.80 -14.54
C SER A 260 -33.53 6.44 -13.31
N GLY A 261 -33.63 5.20 -12.86
CA GLY A 261 -32.75 4.68 -11.86
C GLY A 261 -31.75 3.69 -12.40
N THR A 262 -31.51 3.72 -13.72
CA THR A 262 -30.48 2.88 -14.37
C THR A 262 -29.53 3.85 -15.13
N PRO A 263 -28.32 4.16 -14.59
CA PRO A 263 -27.81 3.71 -13.28
C PRO A 263 -28.45 4.54 -12.19
N PRO A 264 -28.36 4.05 -10.95
CA PRO A 264 -28.87 4.73 -9.77
C PRO A 264 -28.07 6.03 -9.59
N PRO A 265 -28.49 6.92 -8.68
CA PRO A 265 -27.67 8.11 -8.39
C PRO A 265 -26.29 7.63 -7.81
N ILE A 266 -25.17 8.15 -8.29
CA ILE A 266 -23.86 7.77 -7.80
C ILE A 266 -23.15 9.10 -7.57
N VAL A 267 -22.93 9.47 -6.31
CA VAL A 267 -22.35 10.79 -6.02
C VAL A 267 -21.06 10.52 -5.29
N TYR A 268 -19.96 10.88 -5.93
CA TYR A 268 -18.62 10.75 -5.28
C TYR A 268 -18.24 12.20 -4.94
N GLU A 269 -18.14 12.48 -3.65
CA GLU A 269 -17.74 13.78 -3.21
C GLU A 269 -16.42 13.61 -2.50
N PRO A 270 -15.32 13.94 -3.21
CA PRO A 270 -13.98 13.66 -2.62
C PRO A 270 -13.70 14.75 -1.60
N TYR A 271 -14.47 15.83 -1.60
CA TYR A 271 -14.05 16.94 -0.68
C TYR A 271 -15.16 17.11 0.40
N ALA A 272 -14.97 16.43 1.53
CA ALA A 272 -16.16 16.19 2.44
C ALA A 272 -16.36 17.39 3.39
N THR A 273 -16.50 18.61 2.91
CA THR A 273 -16.72 19.70 3.79
C THR A 273 -18.25 19.77 4.17
N ALA A 274 -18.61 20.52 5.22
CA ALA A 274 -20.06 20.50 5.65
C ALA A 274 -20.97 21.11 4.55
N PRO A 275 -20.47 22.16 3.90
CA PRO A 275 -21.40 22.71 2.87
C PRO A 275 -21.48 21.75 1.67
N ARG A 276 -20.42 20.95 1.47
CA ARG A 276 -20.50 20.05 0.27
C ARG A 276 -21.38 18.81 0.59
N LEU A 277 -21.35 18.39 1.83
CA LEU A 277 -22.16 17.25 2.22
C LEU A 277 -23.62 17.65 2.41
N PHE A 278 -23.82 18.76 3.09
CA PHE A 278 -25.16 18.96 3.74
C PHE A 278 -25.88 20.08 3.07
N GLY A 279 -25.24 20.71 2.11
CA GLY A 279 -25.90 21.92 1.46
C GLY A 279 -25.62 23.25 2.21
N ARG A 280 -26.20 24.36 1.68
CA ARG A 280 -25.83 25.73 2.01
C ARG A 280 -27.12 26.56 1.97
N LEU A 281 -27.23 27.52 2.92
CA LEU A 281 -28.28 28.58 2.88
C LEU A 281 -27.71 29.77 2.17
N ASP A 282 -28.49 30.37 1.28
CA ASP A 282 -28.12 31.69 0.73
C ASP A 282 -28.96 32.73 1.46
N TYR A 283 -28.41 33.92 1.63
CA TYR A 283 -29.22 35.06 2.14
C TYR A 283 -29.26 36.13 1.05
N LEU A 284 -30.45 36.64 0.77
CA LEU A 284 -30.61 37.88 0.00
C LEU A 284 -30.82 38.99 1.02
N VAL A 285 -30.14 40.12 0.83
CA VAL A 285 -30.22 41.21 1.81
C VAL A 285 -31.14 42.36 1.33
N TRP A 290 -31.14 39.52 7.51
CA TRP A 290 -31.29 39.52 6.08
C TRP A 290 -32.67 39.08 5.64
N SER A 291 -32.72 38.61 4.42
CA SER A 291 -33.77 37.68 4.09
C SER A 291 -33.10 36.29 3.95
N THR A 292 -33.94 35.28 4.07
CA THR A 292 -33.55 33.90 3.86
C THR A 292 -34.90 33.28 3.72
N ASN A 293 -35.01 32.28 2.86
CA ASN A 293 -36.22 31.52 2.84
C ASN A 293 -35.91 30.19 2.21
N VAL A 294 -36.94 29.36 2.08
CA VAL A 294 -36.84 27.95 1.73
C VAL A 294 -36.33 27.90 0.29
N SER A 295 -36.54 28.99 -0.43
CA SER A 295 -36.22 28.95 -1.86
C SER A 295 -34.71 29.08 -2.07
N LEU A 296 -33.99 29.54 -1.06
CA LEU A 296 -32.53 29.83 -1.21
C LEU A 296 -31.63 28.69 -0.68
N ILE A 297 -32.23 27.53 -0.48
CA ILE A 297 -31.41 26.47 0.11
C ILE A 297 -30.86 25.64 -1.04
N ARG A 298 -29.56 25.38 -0.98
CA ARG A 298 -28.94 24.56 -1.95
C ARG A 298 -28.60 23.19 -1.34
N PRO A 299 -28.70 22.11 -2.16
CA PRO A 299 -28.47 20.74 -1.70
C PRO A 299 -27.03 20.37 -1.56
N GLY A 300 -26.75 19.36 -0.74
CA GLY A 300 -25.35 18.87 -0.71
C GLY A 300 -25.32 17.50 -1.38
N ALA A 301 -24.19 16.80 -1.23
CA ALA A 301 -24.02 15.50 -1.78
C ALA A 301 -25.01 14.55 -1.18
N VAL A 302 -25.38 14.76 0.10
CA VAL A 302 -26.34 13.86 0.81
C VAL A 302 -27.64 13.88 0.04
N HIS A 303 -28.14 15.09 -0.27
CA HIS A 303 -29.40 15.17 -1.02
C HIS A 303 -29.32 14.57 -2.33
N ARG A 304 -28.24 14.85 -3.07
CA ARG A 304 -28.11 14.35 -4.43
C ARG A 304 -27.97 12.83 -4.49
N ALA A 305 -27.49 12.26 -3.41
CA ALA A 305 -27.33 10.82 -3.37
C ALA A 305 -28.60 10.04 -2.98
N GLN A 306 -29.71 10.73 -2.68
CA GLN A 306 -30.96 10.01 -2.23
C GLN A 306 -31.47 8.98 -3.27
N GLY A 307 -31.82 7.78 -2.81
CA GLY A 307 -32.17 6.61 -3.65
C GLY A 307 -31.00 5.94 -4.38
N GLY A 308 -29.76 6.33 -4.01
CA GLY A 308 -28.62 5.75 -4.64
C GLY A 308 -27.41 5.73 -3.70
N TYR A 309 -26.24 6.09 -4.23
CA TYR A 309 -24.99 5.77 -3.47
C TYR A 309 -24.18 7.02 -3.34
N LEU A 310 -23.56 7.21 -2.12
CA LEU A 310 -22.72 8.40 -1.81
C LEU A 310 -21.36 7.81 -1.55
N ILE A 311 -20.32 8.35 -2.23
CA ILE A 311 -18.98 7.77 -2.01
C ILE A 311 -18.14 8.87 -1.41
N LEU A 312 -17.42 8.58 -0.28
CA LEU A 312 -16.65 9.59 0.41
C LEU A 312 -15.34 8.92 0.77
N ASP A 313 -14.27 9.76 0.93
CA ASP A 313 -12.95 9.26 1.39
C ASP A 313 -12.84 9.47 2.83
N ALA A 314 -12.30 8.46 3.51
CA ALA A 314 -12.15 8.44 4.91
C ALA A 314 -11.22 9.58 5.30
N LEU A 315 -10.17 9.82 4.54
CA LEU A 315 -9.28 10.87 4.94
C LEU A 315 -9.91 12.27 4.86
N SER A 316 -10.78 12.56 3.89
CA SER A 316 -11.46 13.83 3.88
C SER A 316 -12.37 14.02 5.08
N LEU A 317 -13.21 13.04 5.41
CA LEU A 317 -14.02 13.16 6.63
C LEU A 317 -13.18 13.59 7.86
N LYS A 318 -11.99 13.02 8.05
CA LYS A 318 -11.18 13.32 9.17
C LYS A 318 -10.57 14.74 9.05
N ARG A 319 -9.96 15.05 7.91
CA ARG A 319 -9.28 16.29 7.72
C ARG A 319 -10.30 17.41 7.83
N GLU A 320 -11.48 17.16 7.29
CA GLU A 320 -12.43 18.31 7.29
C GLU A 320 -13.17 18.40 8.64
N GLY A 321 -12.88 17.50 9.56
CA GLY A 321 -13.68 17.48 10.78
C GLY A 321 -15.19 17.18 10.70
N THR A 322 -15.66 16.43 9.71
CA THR A 322 -17.14 16.32 9.44
C THR A 322 -17.66 14.92 9.82
N TRP A 323 -16.81 14.01 10.31
CA TRP A 323 -17.26 12.75 10.83
C TRP A 323 -18.44 12.78 11.82
N GLU A 324 -18.38 13.61 12.88
CA GLU A 324 -19.49 13.66 13.82
C GLU A 324 -20.70 14.14 13.18
N ALA A 325 -20.62 15.18 12.37
CA ALA A 325 -21.90 15.63 11.75
C ALA A 325 -22.44 14.57 10.72
N PHE A 326 -21.52 13.81 10.16
CA PHE A 326 -21.98 12.82 9.16
C PHE A 326 -22.64 11.64 9.89
N LYS A 327 -22.04 11.19 11.00
CA LYS A 327 -22.72 10.31 11.97
C LYS A 327 -24.11 10.69 12.30
N ARG A 328 -24.29 11.95 12.61
CA ARG A 328 -25.61 12.48 12.96
C ARG A 328 -26.56 12.37 11.82
N ALA A 329 -26.06 12.61 10.61
CA ALA A 329 -26.93 12.45 9.41
C ALA A 329 -27.33 10.99 9.30
N LEU A 330 -26.39 10.05 9.41
CA LEU A 330 -26.77 8.69 9.17
C LEU A 330 -27.60 8.10 10.34
N ARG A 331 -27.27 8.51 11.56
CA ARG A 331 -27.90 7.96 12.79
C ARG A 331 -29.22 8.61 13.06
N ASN A 332 -29.35 9.91 12.78
CA ASN A 332 -30.41 10.65 13.44
C ASN A 332 -31.14 11.33 12.37
N GLY A 333 -30.66 11.25 11.13
CA GLY A 333 -31.36 11.93 10.06
C GLY A 333 -31.24 13.45 10.03
N GLN A 334 -30.26 14.00 10.74
CA GLN A 334 -30.09 15.44 10.80
C GLN A 334 -29.15 15.89 9.75
N VAL A 335 -29.61 16.69 8.82
CA VAL A 335 -28.86 17.09 7.68
C VAL A 335 -29.20 18.56 7.68
N GLU A 336 -28.28 19.37 8.19
CA GLU A 336 -28.45 20.81 8.28
C GLU A 336 -27.65 21.59 7.24
N PRO A 337 -28.30 22.39 6.38
CA PRO A 337 -27.52 23.23 5.47
C PRO A 337 -26.68 24.26 6.23
N VAL A 338 -25.55 24.64 5.67
CA VAL A 338 -24.61 25.40 6.47
C VAL A 338 -25.05 26.86 6.46
N THR A 339 -24.79 27.52 7.58
CA THR A 339 -25.42 28.78 7.97
C THR A 339 -24.35 29.88 8.15
N GLU A 340 -24.76 31.15 8.23
CA GLU A 340 -23.81 32.24 8.55
C GLU A 340 -24.02 32.96 9.95
N PRO A 341 -22.90 33.24 10.66
CA PRO A 341 -22.87 33.99 11.93
C PRO A 341 -23.78 35.23 11.99
N GLN A 342 -23.72 36.06 10.93
CA GLN A 342 -24.37 37.39 10.88
C GLN A 342 -25.89 37.39 11.06
N ALA A 343 -26.52 36.35 10.49
CA ALA A 343 -27.95 36.29 10.16
C ALA A 343 -28.85 36.31 11.37
N PRO A 344 -29.59 37.40 11.55
CA PRO A 344 -30.40 37.67 12.74
C PRO A 344 -31.12 36.43 13.29
N ALA A 345 -31.64 35.62 12.36
CA ALA A 345 -32.38 34.42 12.64
C ALA A 345 -31.88 33.35 11.69
N GLY A 346 -32.64 32.27 11.61
CA GLY A 346 -32.40 31.22 10.66
C GLY A 346 -33.54 30.22 10.64
N LEU A 347 -33.49 29.32 9.69
CA LEU A 347 -34.53 28.34 9.51
C LEU A 347 -34.23 27.12 10.32
N GLU A 348 -35.28 26.57 10.93
CA GLU A 348 -35.21 25.22 11.46
C GLU A 348 -35.42 24.20 10.30
N VAL A 349 -34.60 23.15 10.24
CA VAL A 349 -34.75 22.10 9.26
C VAL A 349 -35.06 20.81 9.98
N GLU A 350 -36.19 20.24 9.62
CA GLU A 350 -36.66 19.04 10.24
C GLU A 350 -35.73 17.92 9.83
N PRO A 351 -35.52 16.91 10.71
CA PRO A 351 -34.75 15.75 10.21
C PRO A 351 -35.51 15.13 9.03
N PHE A 352 -34.86 14.26 8.27
CA PHE A 352 -35.61 13.47 7.26
C PHE A 352 -35.10 12.07 7.16
N PRO A 353 -35.96 11.13 6.68
CA PRO A 353 -35.45 9.75 6.67
C PRO A 353 -34.42 9.62 5.51
N ILE A 354 -33.26 9.04 5.83
CA ILE A 354 -32.12 9.01 4.89
C ILE A 354 -32.39 7.78 4.00
N GLN A 355 -32.24 7.90 2.69
CA GLN A 355 -32.48 6.76 1.80
C GLN A 355 -31.25 6.71 0.88
N GLN A 357 -27.08 4.63 0.33
CA GLN A 357 -26.05 3.72 0.87
C GLN A 357 -24.73 4.47 0.75
N VAL A 358 -23.94 4.48 1.79
CA VAL A 358 -22.67 5.09 1.77
C VAL A 358 -21.58 4.09 1.65
N LEU A 360 -17.47 4.20 1.93
CA LEU A 360 -16.31 5.01 2.30
C LEU A 360 -15.08 4.39 1.75
N VAL A 361 -14.10 5.16 1.37
CA VAL A 361 -12.91 4.53 0.72
C VAL A 361 -11.60 4.92 1.40
N GLY A 362 -10.63 4.01 1.69
CA GLY A 362 -9.46 4.60 2.18
C GLY A 362 -8.47 3.47 2.39
N THR A 363 -7.31 3.85 2.85
CA THR A 363 -6.22 2.82 3.35
C THR A 363 -6.43 2.29 4.74
N PRO A 364 -5.77 1.16 5.04
CA PRO A 364 -5.87 0.64 6.36
C PRO A 364 -5.55 1.69 7.36
N GLU A 365 -4.62 2.58 7.04
CA GLU A 365 -4.27 3.59 8.00
C GLU A 365 -5.19 4.86 8.04
N ALA A 366 -5.86 5.23 6.93
CA ALA A 366 -6.93 6.15 7.01
C ALA A 366 -8.13 5.71 7.95
N PHE A 367 -8.45 4.38 7.99
CA PHE A 367 -9.51 3.76 8.83
C PHE A 367 -9.20 3.65 10.31
N GLU A 368 -7.91 3.62 10.66
CA GLU A 368 -7.50 3.38 12.06
C GLU A 368 -8.14 4.38 13.04
N GLY A 369 -8.14 5.69 12.71
CA GLY A 369 -8.74 6.67 13.58
C GLY A 369 -10.28 6.56 13.72
N LEU A 370 -10.93 6.26 12.61
CA LEU A 370 -12.38 6.11 12.57
C LEU A 370 -12.78 4.81 13.32
N GLU A 371 -11.94 3.79 13.27
CA GLU A 371 -12.24 2.52 13.94
C GLU A 371 -12.23 2.56 15.46
N GLU A 372 -11.63 3.55 16.10
CA GLU A 372 -11.81 3.55 17.57
C GLU A 372 -13.15 4.18 18.04
N ASP A 373 -13.91 4.73 17.12
CA ASP A 373 -15.25 5.08 17.42
C ASP A 373 -16.19 3.81 17.23
N PRO A 374 -16.88 3.38 18.30
CA PRO A 374 -17.84 2.23 18.23
C PRO A 374 -18.85 2.48 17.12
N ALA A 375 -19.19 3.75 16.88
CA ALA A 375 -20.20 4.05 15.93
C ALA A 375 -19.77 3.72 14.47
N PHE A 376 -18.46 3.66 14.19
CA PHE A 376 -18.02 3.34 12.85
C PHE A 376 -18.46 1.93 12.46
N SER A 377 -18.01 0.94 13.16
CA SER A 377 -18.43 -0.39 12.81
C SER A 377 -19.96 -0.68 13.05
N GLU A 378 -20.69 0.16 13.82
CA GLU A 378 -22.12 -0.03 13.90
C GLU A 378 -22.71 0.42 12.57
N LEU A 379 -22.14 1.47 12.03
CA LEU A 379 -22.80 2.10 10.88
C LEU A 379 -22.25 1.47 9.54
N PHE A 380 -20.97 1.10 9.50
CA PHE A 380 -20.34 0.51 8.25
C PHE A 380 -20.15 -0.94 8.53
N ARG A 381 -21.21 -1.77 8.37
CA ARG A 381 -21.11 -3.22 8.76
C ARG A 381 -20.41 -4.08 7.66
N ILE A 382 -20.23 -3.50 6.46
CA ILE A 382 -19.49 -4.34 5.41
C ILE A 382 -18.09 -3.71 5.11
N ARG A 383 -17.03 -4.46 5.52
CA ARG A 383 -15.70 -4.25 5.21
C ARG A 383 -15.47 -4.96 3.81
N ALA A 384 -15.04 -4.18 2.81
CA ALA A 384 -14.58 -4.74 1.45
C ALA A 384 -13.09 -4.51 1.28
N GLU A 385 -12.26 -5.42 1.76
CA GLU A 385 -10.81 -5.33 1.77
C GLU A 385 -10.14 -5.87 0.45
N PHE A 386 -9.40 -4.96 -0.15
CA PHE A 386 -8.66 -5.25 -1.44
C PHE A 386 -7.30 -5.75 -1.04
N SER A 387 -6.85 -6.80 -1.72
CA SER A 387 -5.57 -7.49 -1.41
C SER A 387 -4.47 -6.71 -2.22
N PRO A 388 -3.23 -6.67 -1.66
CA PRO A 388 -2.21 -5.82 -2.29
C PRO A 388 -1.65 -6.62 -3.49
N THR A 389 -1.92 -7.91 -3.54
CA THR A 389 -1.39 -8.69 -4.65
C THR A 389 -2.49 -9.67 -5.09
N PRO A 391 -3.00 -13.60 -7.56
CA PRO A 391 -2.31 -14.69 -8.25
C PRO A 391 -1.68 -14.29 -9.58
N ALA A 392 -0.45 -14.72 -9.79
CA ALA A 392 0.18 -14.42 -11.15
C ALA A 392 -0.22 -15.63 -11.99
N SER A 393 -1.32 -15.48 -12.64
CA SER A 393 -1.87 -16.56 -13.44
C SER A 393 -2.16 -16.02 -14.85
N PRO A 394 -2.32 -16.96 -15.84
CA PRO A 394 -2.64 -16.48 -17.22
C PRO A 394 -3.96 -15.78 -17.29
N GLU A 395 -4.93 -16.17 -16.42
CA GLU A 395 -6.19 -15.36 -16.44
C GLU A 395 -6.09 -13.94 -15.92
N ASN A 396 -5.24 -13.72 -14.89
CA ASN A 396 -5.02 -12.30 -14.43
C ASN A 396 -4.08 -11.55 -15.43
N CYS A 397 -3.18 -12.30 -16.09
CA CYS A 397 -2.35 -11.62 -17.22
C CYS A 397 -3.36 -11.11 -18.32
N THR A 398 -4.28 -12.01 -18.71
CA THR A 398 -5.29 -11.64 -19.62
C THR A 398 -6.21 -10.57 -19.21
N ALA A 399 -6.70 -10.58 -17.95
CA ALA A 399 -7.54 -9.45 -17.50
C ALA A 399 -6.71 -8.17 -17.57
N LEU A 400 -5.49 -8.27 -17.04
CA LEU A 400 -4.63 -6.96 -17.09
C LEU A 400 -4.51 -6.31 -18.54
N GLY A 401 -4.31 -7.21 -19.53
CA GLY A 401 -4.22 -6.84 -20.94
C GLY A 401 -5.53 -6.22 -21.38
N GLY A 402 -6.66 -6.88 -21.05
CA GLY A 402 -7.96 -6.24 -21.49
C GLY A 402 -8.17 -4.98 -20.77
N TRP A 403 -7.77 -4.96 -19.49
CA TRP A 403 -7.96 -3.66 -18.71
C TRP A 403 -7.13 -2.55 -19.35
N LEU A 404 -5.92 -2.89 -19.71
CA LEU A 404 -5.06 -1.85 -20.45
C LEU A 404 -5.61 -1.36 -21.79
N LEU A 405 -6.12 -2.32 -22.63
CA LEU A 405 -6.74 -1.88 -23.90
C LEU A 405 -7.91 -1.02 -23.69
N ALA A 406 -8.68 -1.32 -22.63
CA ALA A 406 -9.88 -0.48 -22.37
C ALA A 406 -9.46 0.93 -21.89
N GLN A 407 -8.31 1.06 -21.23
CA GLN A 407 -7.74 2.44 -20.88
C GLN A 407 -7.26 3.30 -22.14
N GLY A 408 -7.20 2.67 -23.29
CA GLY A 408 -6.74 3.26 -24.52
C GLY A 408 -5.32 3.03 -24.91
N PHE A 409 -4.61 2.08 -24.32
CA PHE A 409 -3.23 1.88 -24.71
C PHE A 409 -3.10 1.06 -25.99
N GLN A 410 -2.09 1.34 -26.77
CA GLN A 410 -1.79 0.44 -27.95
C GLN A 410 -0.80 -0.60 -27.49
N LEU A 411 -1.25 -1.78 -27.15
CA LEU A 411 -0.41 -2.71 -26.48
C LEU A 411 0.00 -3.81 -27.38
N THR A 412 1.19 -4.33 -27.20
CA THR A 412 1.65 -5.47 -27.98
C THR A 412 1.88 -6.61 -26.94
N GLN A 413 2.02 -7.79 -27.44
CA GLN A 413 2.18 -8.90 -26.58
C GLN A 413 3.38 -8.78 -25.70
N GLY A 414 4.51 -8.37 -26.30
CA GLY A 414 5.77 -8.24 -25.53
C GLY A 414 5.62 -7.18 -24.42
N GLY A 415 4.85 -6.15 -24.70
CA GLY A 415 4.64 -5.08 -23.75
C GLY A 415 3.73 -5.57 -22.62
N LEU A 416 2.67 -6.34 -22.95
CA LEU A 416 1.79 -6.86 -21.89
C LEU A 416 2.68 -7.81 -21.06
N THR A 417 3.44 -8.62 -21.71
CA THR A 417 4.28 -9.64 -20.91
C THR A 417 5.28 -8.99 -19.95
N ARG A 418 5.98 -7.92 -20.43
CA ARG A 418 6.89 -7.28 -19.50
C ARG A 418 6.18 -6.51 -18.37
N LEU A 419 5.09 -5.85 -18.66
CA LEU A 419 4.32 -5.27 -17.60
C LEU A 419 3.86 -6.27 -16.53
N TYR A 420 3.33 -7.43 -16.96
CA TYR A 420 2.92 -8.52 -16.14
C TYR A 420 4.11 -8.99 -15.34
N ASP A 421 5.25 -9.08 -15.98
CA ASP A 421 6.38 -9.70 -15.21
C ASP A 421 6.96 -8.57 -14.23
N GLU A 422 6.67 -7.35 -14.55
CA GLU A 422 7.24 -6.25 -13.67
C GLU A 422 6.24 -6.16 -12.47
N ALA A 423 4.95 -6.47 -12.71
CA ALA A 423 4.02 -6.51 -11.56
C ALA A 423 4.44 -7.66 -10.56
N ARG A 424 4.88 -8.78 -11.07
CA ARG A 424 5.45 -9.87 -10.24
C ARG A 424 6.68 -9.43 -9.46
N ARG A 425 7.62 -8.78 -10.15
CA ARG A 425 8.76 -8.28 -9.42
C ARG A 425 8.37 -7.16 -8.39
N ALA A 427 5.66 -7.16 -6.64
CA ALA A 427 5.20 -7.96 -5.53
C ALA A 427 6.34 -8.70 -4.89
N GLU A 428 7.51 -8.72 -5.51
CA GLU A 428 8.65 -9.64 -4.91
C GLU A 428 8.21 -11.06 -4.64
N GLN A 429 7.51 -11.64 -5.63
CA GLN A 429 7.02 -12.99 -5.51
C GLN A 429 6.93 -13.55 -6.91
N ARG A 430 7.44 -14.72 -7.09
CA ARG A 430 7.34 -15.31 -8.50
C ARG A 430 5.93 -15.70 -8.77
N ASP A 431 5.12 -15.98 -7.72
CA ASP A 431 3.74 -16.53 -7.90
C ASP A 431 2.60 -15.51 -7.85
N ARG A 432 2.94 -14.28 -7.52
CA ARG A 432 1.91 -13.28 -7.26
C ARG A 432 2.28 -12.03 -7.99
N ASP A 434 1.49 -7.78 -8.35
CA ASP A 434 1.08 -6.62 -7.61
C ASP A 434 -0.28 -6.15 -8.14
N ALA A 435 -1.24 -5.78 -7.23
CA ALA A 435 -2.62 -5.60 -7.62
C ALA A 435 -2.90 -4.21 -7.91
N ARG A 436 -1.87 -3.32 -7.75
CA ARG A 436 -2.13 -1.91 -7.89
C ARG A 436 -2.18 -1.48 -9.40
N LEU A 437 -3.37 -1.55 -9.96
CA LEU A 437 -3.57 -1.35 -11.38
C LEU A 437 -3.18 0.08 -11.73
N VAL A 438 -3.33 1.03 -10.80
CA VAL A 438 -3.04 2.48 -11.05
C VAL A 438 -1.52 2.67 -11.30
N GLU A 439 -0.69 1.91 -10.56
CA GLU A 439 0.75 1.88 -10.67
C GLU A 439 1.21 1.22 -11.94
N ILE A 440 0.54 0.14 -12.32
CA ILE A 440 0.87 -0.52 -13.62
C ILE A 440 0.55 0.46 -14.75
N ARG A 441 -0.55 1.11 -14.60
CA ARG A 441 -0.89 2.05 -15.63
C ARG A 441 0.07 3.23 -15.71
N ALA A 442 0.44 3.80 -14.53
CA ALA A 442 1.43 4.89 -14.58
C ALA A 442 2.74 4.48 -15.32
N LEU A 443 3.25 3.27 -15.06
CA LEU A 443 4.43 2.80 -15.70
C LEU A 443 4.18 2.66 -17.23
N ALA A 444 3.01 2.12 -17.61
CA ALA A 444 2.57 1.97 -19.00
C ALA A 444 2.46 3.31 -19.67
N GLU A 445 2.02 4.33 -18.91
CA GLU A 445 1.95 5.64 -19.54
C GLU A 445 3.39 6.21 -19.94
N GLU A 446 4.42 5.94 -19.13
CA GLU A 446 5.79 6.40 -19.38
C GLU A 446 6.32 5.51 -20.52
N ALA A 447 6.09 4.16 -20.46
CA ALA A 447 6.43 3.30 -21.58
C ALA A 447 5.89 3.77 -22.88
N ALA A 448 4.63 4.16 -22.91
CA ALA A 448 4.04 4.65 -24.14
C ALA A 448 4.78 5.80 -24.80
N VAL A 449 5.19 6.80 -24.06
CA VAL A 449 6.06 7.91 -24.55
C VAL A 449 7.31 7.39 -25.17
N LEU A 450 7.99 6.53 -24.46
CA LEU A 450 9.21 6.00 -25.04
C LEU A 450 9.09 5.10 -26.29
N GLY A 451 7.91 4.46 -26.49
CA GLY A 451 7.72 3.64 -27.69
C GLY A 451 6.91 4.45 -28.71
N GLY A 452 6.81 5.74 -28.50
CA GLY A 452 6.09 6.56 -29.57
C GLY A 452 4.64 6.35 -29.66
N GLY A 453 3.94 5.92 -28.56
CA GLY A 453 2.59 5.49 -28.62
C GLY A 453 2.31 4.03 -28.53
N LEU A 454 3.33 3.18 -28.57
CA LEU A 454 3.12 1.77 -28.69
C LEU A 454 3.81 1.20 -27.50
N LEU A 455 3.11 0.34 -26.77
CA LEU A 455 3.60 -0.26 -25.58
C LEU A 455 4.23 -1.62 -25.88
N THR A 456 5.52 -1.69 -25.94
CA THR A 456 6.24 -2.85 -26.43
C THR A 456 7.04 -3.32 -25.34
N ALA A 457 7.63 -4.51 -25.48
CA ALA A 457 8.58 -4.88 -24.49
C ALA A 457 9.78 -3.96 -24.21
N GLU A 458 10.39 -3.45 -25.33
CA GLU A 458 11.45 -2.46 -25.12
C GLU A 458 10.96 -1.25 -24.37
N SER A 459 9.81 -0.67 -24.72
CA SER A 459 9.50 0.53 -24.14
C SER A 459 9.22 0.42 -22.59
N VAL A 460 8.70 -0.71 -22.17
CA VAL A 460 8.48 -1.08 -20.80
C VAL A 460 9.79 -1.28 -20.14
N GLU A 461 10.70 -1.99 -20.78
CA GLU A 461 11.97 -2.26 -20.10
C GLU A 461 12.80 -0.87 -19.99
N GLN A 462 12.62 0.03 -20.96
CA GLN A 462 13.31 1.28 -20.98
C GLN A 462 12.61 2.24 -19.95
N ALA A 463 11.26 2.14 -19.77
CA ALA A 463 10.58 2.97 -18.75
C ALA A 463 11.13 2.63 -17.38
N ILE A 464 11.18 1.34 -17.13
CA ILE A 464 11.83 0.87 -15.90
C ILE A 464 13.21 1.39 -15.66
N ALA A 465 14.08 1.22 -16.63
CA ALA A 465 15.47 1.79 -16.54
C ALA A 465 15.55 3.29 -16.26
N ALA A 466 14.70 4.09 -16.90
CA ALA A 466 14.68 5.46 -16.70
C ALA A 466 14.24 5.77 -15.28
N ARG A 467 13.33 5.01 -14.70
CA ARG A 467 12.93 5.32 -13.34
C ARG A 467 14.05 4.99 -12.41
N GLU A 468 14.79 3.94 -12.72
CA GLU A 468 15.90 3.65 -11.84
C GLU A 468 16.95 4.81 -11.99
N HIS A 469 17.13 5.28 -13.23
CA HIS A 469 18.14 6.39 -13.36
C HIS A 469 17.77 7.59 -12.61
N ARG A 470 16.49 7.88 -12.60
CA ARG A 470 16.03 9.12 -12.04
C ARG A 470 16.15 9.10 -10.48
N SER A 471 16.35 7.96 -9.84
CA SER A 471 16.50 7.99 -8.31
C SER A 471 17.85 7.36 -7.96
N PHE A 472 18.83 7.39 -8.92
CA PHE A 472 20.09 6.73 -8.76
C PHE A 472 21.27 7.67 -8.17
N LEU A 473 21.02 8.94 -8.04
CA LEU A 473 22.10 9.92 -7.41
C LEU A 473 22.70 9.29 -6.18
N SER A 474 21.90 8.80 -5.18
CA SER A 474 22.49 8.32 -3.95
C SER A 474 23.36 7.19 -4.14
N GLU A 475 22.96 6.29 -5.02
CA GLU A 475 23.80 5.17 -5.35
C GLU A 475 25.09 5.56 -6.19
N GLU A 476 24.94 6.43 -7.13
CA GLU A 476 26.15 6.91 -7.87
C GLU A 476 27.22 7.51 -6.88
N GLU A 477 26.71 8.26 -5.84
CA GLU A 477 27.63 8.88 -4.83
C GLU A 477 28.30 7.69 -4.08
N PHE A 478 27.52 6.70 -3.85
CA PHE A 478 27.98 5.64 -3.00
C PHE A 478 29.07 4.93 -3.72
N LEU A 479 28.75 4.48 -4.97
CA LEU A 479 29.68 3.66 -5.72
C LEU A 479 30.98 4.49 -6.00
N ARG A 480 30.80 5.78 -6.19
CA ARG A 480 32.04 6.64 -6.30
C ARG A 480 32.91 6.61 -5.09
N ALA A 481 32.28 6.67 -3.88
CA ALA A 481 33.08 6.69 -2.69
C ALA A 481 33.72 5.37 -2.44
N VAL A 482 33.12 4.27 -2.91
CA VAL A 482 33.78 2.93 -2.74
C VAL A 482 34.99 2.83 -3.67
N GLN A 483 34.75 3.35 -4.86
CA GLN A 483 35.83 3.33 -5.93
C GLN A 483 37.06 4.16 -5.50
N GLU A 484 36.80 5.35 -4.95
CA GLU A 484 37.85 6.15 -4.30
C GLU A 484 38.43 5.64 -3.01
N GLY A 485 37.86 4.61 -2.35
CA GLY A 485 38.42 4.11 -1.05
C GLY A 485 37.96 4.94 0.16
N VAL A 486 37.03 5.87 -0.05
CA VAL A 486 36.44 6.61 1.00
C VAL A 486 35.53 5.71 1.78
N ILE A 487 34.78 4.78 1.14
CA ILE A 487 34.13 3.71 1.91
C ILE A 487 35.00 2.54 1.75
N ARG A 488 35.46 1.88 2.79
CA ARG A 488 36.39 0.78 2.58
C ARG A 488 35.60 -0.56 2.50
N LEU A 489 35.70 -1.27 1.40
CA LEU A 489 35.04 -2.56 1.21
C LEU A 489 36.01 -3.51 0.55
N ARG A 490 35.73 -4.78 0.62
CA ARG A 490 36.50 -5.78 -0.11
C ARG A 490 35.49 -6.56 -0.91
N THR A 491 35.81 -6.90 -2.15
CA THR A 491 34.93 -7.80 -2.86
C THR A 491 35.74 -8.99 -3.35
N THR A 492 36.94 -9.23 -2.77
CA THR A 492 37.76 -10.37 -3.20
C THR A 492 38.70 -10.75 -2.11
N GLY A 493 39.33 -11.93 -2.17
CA GLY A 493 40.21 -12.35 -1.06
C GLY A 493 39.43 -12.96 0.16
N ARG A 494 40.16 -13.14 1.25
CA ARG A 494 39.71 -13.82 2.49
C ARG A 494 40.16 -12.91 3.62
N ALA A 495 39.47 -12.96 4.78
CA ALA A 495 39.80 -12.11 5.92
C ALA A 495 39.13 -12.79 7.04
N VAL A 496 39.80 -12.77 8.17
CA VAL A 496 39.28 -13.28 9.38
C VAL A 496 38.35 -12.30 10.10
N GLY A 497 37.24 -12.82 10.56
CA GLY A 497 36.32 -12.03 11.39
C GLY A 497 35.76 -10.86 10.59
N GLU A 498 35.55 -11.00 9.26
CA GLU A 498 34.90 -9.84 8.50
C GLU A 498 33.95 -10.43 7.45
N VAL A 499 32.90 -9.71 7.03
CA VAL A 499 32.02 -10.26 6.02
C VAL A 499 31.27 -9.08 5.48
N ASN A 500 30.90 -9.14 4.21
CA ASN A 500 29.93 -8.14 3.58
C ASN A 500 28.50 -8.50 3.96
N SER A 501 27.91 -7.71 4.82
CA SER A 501 26.58 -8.03 5.25
C SER A 501 25.83 -7.08 4.28
N LEU A 502 24.55 -7.28 3.98
CA LEU A 502 23.86 -6.46 2.94
C LEU A 502 22.78 -5.66 3.57
N VAL A 503 22.55 -4.44 3.12
CA VAL A 503 21.66 -3.60 3.94
C VAL A 503 20.85 -2.83 2.98
N VAL A 504 19.73 -2.30 3.45
CA VAL A 504 18.88 -1.34 2.67
C VAL A 504 18.84 -0.09 3.44
N VAL A 505 19.26 1.01 2.82
CA VAL A 505 19.18 2.30 3.46
C VAL A 505 17.78 2.93 3.45
N GLU A 506 17.40 3.38 4.65
CA GLU A 506 16.13 4.03 4.94
C GLU A 506 15.96 5.15 3.94
N ALA A 507 15.01 4.95 3.02
CA ALA A 507 14.70 5.94 1.98
C ALA A 507 14.35 5.34 0.60
N ALA A 508 13.19 5.75 0.07
CA ALA A 508 12.72 5.36 -1.29
C ALA A 508 13.68 5.87 -2.39
N PRO A 509 14.08 4.97 -3.31
CA PRO A 509 13.44 3.65 -3.54
C PRO A 509 14.13 2.47 -2.83
N TYR A 510 14.84 2.68 -1.71
CA TYR A 510 15.39 1.57 -0.95
C TYR A 510 16.38 0.70 -1.78
N TRP A 511 17.46 1.28 -2.36
CA TRP A 511 18.61 0.52 -2.96
C TRP A 511 19.19 -0.41 -1.91
N GLY A 512 19.84 -1.48 -2.28
CA GLY A 512 20.63 -2.33 -1.37
C GLY A 512 22.15 -2.06 -1.47
N ARG A 513 22.98 -2.27 -0.41
CA ARG A 513 24.42 -2.06 -0.50
C ARG A 513 25.03 -3.07 0.43
N PRO A 514 26.28 -3.43 0.16
CA PRO A 514 27.07 -4.18 1.15
C PRO A 514 27.52 -3.21 2.28
N ALA A 515 27.70 -3.72 3.54
CA ALA A 515 28.29 -2.92 4.65
C ALA A 515 29.31 -3.91 5.20
N ARG A 516 30.52 -3.47 5.39
CA ARG A 516 31.52 -4.35 5.99
C ARG A 516 31.25 -4.54 7.50
N LEU A 517 31.10 -5.81 7.97
CA LEU A 517 30.79 -6.04 9.29
C LEU A 517 31.98 -6.72 9.95
N THR A 518 32.50 -6.23 11.08
CA THR A 518 33.64 -6.89 11.62
C THR A 518 33.33 -7.48 12.97
N ALA A 519 34.09 -8.49 13.36
CA ALA A 519 33.90 -9.09 14.67
C ALA A 519 35.32 -9.34 15.20
N ARG A 520 35.57 -9.00 16.50
CA ARG A 520 36.81 -9.26 17.17
C ARG A 520 36.55 -10.08 18.41
N ALA A 521 37.43 -10.98 18.65
CA ALA A 521 37.20 -11.82 19.82
C ALA A 521 38.41 -11.70 20.75
N ALA A 522 38.15 -11.64 22.06
CA ALA A 522 39.22 -11.61 23.01
C ALA A 522 38.80 -12.41 24.23
N PRO A 523 39.78 -12.89 25.02
CA PRO A 523 39.56 -13.52 26.35
C PRO A 523 38.77 -12.55 27.25
N GLY A 524 37.73 -13.07 27.93
CA GLY A 524 36.76 -12.27 28.70
C GLY A 524 35.63 -13.18 29.13
N ARG A 525 34.53 -12.65 29.67
CA ARG A 525 33.47 -13.53 30.25
C ARG A 525 32.18 -13.41 29.43
N ASP A 526 31.70 -14.51 28.81
CA ASP A 526 30.68 -14.49 27.72
C ASP A 526 29.93 -13.17 27.47
N HIS A 527 30.48 -12.34 26.60
N HIS A 527 30.52 -12.28 26.68
CA HIS A 527 29.81 -11.11 26.26
CA HIS A 527 29.77 -11.10 26.26
C HIS A 527 29.79 -11.03 24.75
C HIS A 527 29.78 -11.08 24.76
N LEU A 528 28.60 -10.89 24.16
CA LEU A 528 28.49 -10.64 22.76
C LEU A 528 28.09 -9.18 22.71
N ILE A 529 28.95 -8.31 22.15
CA ILE A 529 28.73 -6.84 22.26
C ILE A 529 28.34 -6.45 20.82
N SER A 530 27.17 -5.93 20.56
CA SER A 530 26.90 -5.26 19.26
C SER A 530 27.28 -3.75 19.47
N ILE A 531 28.33 -3.25 18.81
CA ILE A 531 28.72 -1.83 19.01
C ILE A 531 27.62 -0.89 18.54
N ASP A 532 26.90 -1.25 17.51
CA ASP A 532 25.94 -0.25 16.94
C ASP A 532 24.79 -0.24 17.95
N ARG A 533 24.59 -1.39 18.59
CA ARG A 533 23.33 -1.44 19.47
C ARG A 533 23.70 -0.65 20.77
N GLU A 534 24.84 -0.99 21.38
CA GLU A 534 25.37 -0.23 22.53
C GLU A 534 25.52 1.27 22.30
N ALA A 535 25.88 1.73 21.09
CA ALA A 535 25.97 3.13 20.83
C ALA A 535 24.60 3.75 20.55
N GLY A 536 23.52 2.99 20.50
CA GLY A 536 22.16 3.55 20.32
C GLY A 536 21.75 3.60 18.88
N LEU A 537 22.60 3.06 17.94
CA LEU A 537 22.20 3.07 16.52
C LEU A 537 21.24 1.89 16.21
N GLY A 538 21.33 0.82 16.98
CA GLY A 538 20.52 -0.39 16.68
C GLY A 538 19.10 -0.34 17.26
N GLY A 539 18.05 -0.65 16.48
CA GLY A 539 16.69 -0.72 17.04
C GLY A 539 16.38 -1.92 17.89
N GLN A 540 15.16 -1.96 18.40
CA GLN A 540 14.67 -3.18 19.17
C GLN A 540 14.74 -4.54 18.44
N ILE A 541 14.25 -4.57 17.23
CA ILE A 541 14.37 -5.91 16.41
C ILE A 541 15.86 -6.29 16.18
N PHE A 542 16.69 -5.22 15.87
CA PHE A 542 18.10 -5.57 15.74
C PHE A 542 18.74 -6.11 17.00
N HIS A 543 18.39 -5.45 18.13
CA HIS A 543 18.81 -5.91 19.46
C HIS A 543 18.33 -7.36 19.69
N LYS A 544 17.05 -7.55 19.46
CA LYS A 544 16.53 -8.96 19.57
C LYS A 544 17.39 -9.97 18.82
N ALA A 545 17.82 -9.57 17.59
CA ALA A 545 18.62 -10.54 16.75
C ALA A 545 19.95 -10.84 17.39
N VAL A 546 20.59 -9.78 18.00
CA VAL A 546 21.82 -10.03 18.73
C VAL A 546 21.69 -10.95 19.90
N LEU A 547 20.72 -10.61 20.78
CA LEU A 547 20.37 -11.63 21.89
C LEU A 547 20.05 -12.99 21.41
N THR A 548 19.36 -13.06 20.30
CA THR A 548 19.10 -14.53 19.73
C THR A 548 20.41 -15.24 19.39
N LEU A 549 21.35 -14.49 18.78
CA LEU A 549 22.58 -15.02 18.36
C LEU A 549 23.43 -15.42 19.54
N ALA A 550 23.37 -14.61 20.61
CA ALA A 550 24.08 -14.97 21.90
C ALA A 550 23.53 -16.32 22.50
N GLY A 551 22.20 -16.43 22.49
CA GLY A 551 21.46 -17.68 22.85
C GLY A 551 21.95 -18.88 22.03
N TYR A 552 22.09 -18.68 20.74
CA TYR A 552 22.67 -19.77 19.90
C TYR A 552 24.13 -20.14 20.22
N LEU A 553 24.96 -19.09 20.38
CA LEU A 553 26.37 -19.24 20.62
C LEU A 553 26.64 -19.89 21.97
N ARG A 554 25.93 -19.42 23.00
CA ARG A 554 26.14 -19.94 24.32
C ARG A 554 25.82 -21.41 24.33
N SER A 555 24.78 -21.81 23.62
CA SER A 555 24.24 -23.13 23.77
C SER A 555 24.91 -24.10 22.89
N ARG A 556 25.61 -23.64 21.84
CA ARG A 556 26.40 -24.58 21.05
C ARG A 556 27.78 -24.92 21.70
N ILE A 558 29.52 -25.39 24.89
CA ILE A 558 29.23 -25.44 26.31
C ILE A 558 30.37 -26.11 27.11
N GLU A 559 31.29 -26.76 26.39
CA GLU A 559 32.29 -27.66 27.02
C GLU A 559 33.16 -27.03 28.15
N HIS A 560 33.42 -25.70 28.03
CA HIS A 560 34.27 -24.92 28.95
C HIS A 560 33.50 -24.26 30.07
N GLY A 561 32.20 -24.50 30.15
CA GLY A 561 31.40 -23.72 31.04
C GLY A 561 30.96 -22.54 30.19
N SER A 562 30.91 -21.37 30.84
CA SER A 562 30.56 -20.12 30.21
C SER A 562 31.52 -19.87 29.05
N LEU A 563 31.01 -19.30 27.94
CA LEU A 563 31.85 -18.80 26.86
C LEU A 563 33.01 -17.92 27.42
N PRO A 564 34.27 -18.45 27.38
CA PRO A 564 35.46 -17.72 27.78
C PRO A 564 35.92 -16.61 26.78
N VAL A 565 34.98 -15.83 26.19
CA VAL A 565 35.34 -14.79 25.19
C VAL A 565 34.38 -13.65 25.19
N THR A 566 34.92 -12.49 24.86
CA THR A 566 34.15 -11.29 24.59
C THR A 566 34.19 -11.07 23.08
N ILE A 567 33.03 -10.87 22.42
CA ILE A 567 33.00 -10.76 20.99
C ILE A 567 32.41 -9.44 20.65
N SER A 568 33.13 -8.59 19.88
CA SER A 568 32.40 -7.32 19.54
C SER A 568 32.17 -7.23 18.04
N LEU A 569 31.03 -6.65 17.62
CA LEU A 569 30.61 -6.73 16.27
C LEU A 569 30.33 -5.29 15.93
N ALA A 570 30.80 -4.80 14.79
CA ALA A 570 30.48 -3.45 14.30
C ALA A 570 30.22 -3.42 12.83
N PHE A 571 29.22 -2.67 12.41
CA PHE A 571 29.11 -2.29 11.06
C PHE A 571 30.00 -1.06 10.77
N GLU A 572 31.04 -1.29 9.98
CA GLU A 572 32.09 -0.26 9.80
C GLU A 572 31.43 0.79 8.91
N GLN A 573 31.68 2.02 9.28
CA GLN A 573 31.20 3.22 8.57
C GLN A 573 29.74 3.30 8.50
N ASN A 574 29.03 2.78 9.50
CA ASN A 574 27.61 3.03 9.52
C ASN A 574 27.42 4.16 10.48
N TYR A 575 26.67 5.15 10.03
CA TYR A 575 26.44 6.37 10.79
C TYR A 575 24.99 6.62 11.01
N VAL A 576 24.14 5.65 10.65
CA VAL A 576 22.72 5.86 10.84
C VAL A 576 22.06 4.75 11.64
N SER A 577 20.80 4.95 11.95
CA SER A 577 20.13 3.90 12.77
C SER A 577 19.85 2.69 11.88
N ILE A 578 20.01 1.52 12.46
CA ILE A 578 19.74 0.33 11.70
C ILE A 578 18.73 -0.50 12.53
N GLU A 579 17.76 -1.08 11.84
CA GLU A 579 16.75 -1.94 12.53
C GLU A 579 16.49 -3.19 11.70
N GLY A 580 15.97 -4.27 12.31
CA GLY A 580 15.61 -5.51 11.52
C GLY A 580 16.52 -6.57 12.07
N ASP A 581 16.18 -7.80 11.78
CA ASP A 581 17.02 -8.93 12.25
C ASP A 581 17.78 -9.47 11.01
N SER A 582 17.66 -8.75 9.92
CA SER A 582 18.23 -9.34 8.63
C SER A 582 19.75 -9.37 8.59
N ALA A 583 20.45 -9.00 9.68
CA ALA A 583 21.98 -9.08 9.60
C ALA A 583 22.42 -10.16 10.52
N GLY A 584 21.46 -10.92 11.00
CA GLY A 584 21.88 -11.91 12.04
C GLY A 584 22.81 -12.94 11.53
N LEU A 585 22.50 -13.50 10.35
CA LEU A 585 23.40 -14.59 9.89
C LEU A 585 24.78 -14.02 9.61
N ALA A 586 24.78 -12.87 9.01
CA ALA A 586 26.22 -12.24 8.81
C ALA A 586 26.94 -11.96 10.17
N GLU A 587 26.16 -11.56 11.22
CA GLU A 587 26.87 -11.37 12.51
C GLU A 587 27.32 -12.70 13.04
N LEU A 588 26.51 -13.76 12.81
CA LEU A 588 26.91 -15.02 13.42
C LEU A 588 28.12 -15.62 12.75
N VAL A 589 28.17 -15.63 11.41
CA VAL A 589 29.37 -16.15 10.75
C VAL A 589 30.60 -15.38 11.09
N ALA A 590 30.45 -14.05 11.19
CA ALA A 590 31.63 -13.23 11.61
C ALA A 590 32.13 -13.58 13.02
N ALA A 591 31.19 -13.85 13.95
CA ALA A 591 31.54 -14.19 15.29
C ALA A 591 32.22 -15.54 15.30
N LEU A 592 31.69 -16.56 14.56
CA LEU A 592 32.37 -17.89 14.61
C LEU A 592 33.73 -17.83 13.91
N SER A 593 33.77 -17.00 12.85
CA SER A 593 35.10 -16.78 12.23
C SER A 593 36.22 -16.15 13.17
N ALA A 594 35.81 -15.20 13.97
CA ALA A 594 36.72 -14.48 14.88
C ALA A 594 37.12 -15.51 16.01
N ILE A 595 36.19 -16.37 16.42
CA ILE A 595 36.54 -17.35 17.49
C ILE A 595 37.50 -18.34 16.99
N GLY A 596 37.27 -18.78 15.77
CA GLY A 596 37.97 -19.94 15.24
C GLY A 596 39.17 -19.54 14.40
N ASN A 597 39.40 -18.25 14.24
CA ASN A 597 40.49 -17.78 13.38
C ASN A 597 40.30 -18.30 11.95
N LEU A 598 39.06 -18.27 11.44
CA LEU A 598 38.69 -18.83 10.11
C LEU A 598 38.59 -17.81 9.03
N PRO A 599 39.49 -17.86 8.01
CA PRO A 599 39.43 -16.86 6.97
C PRO A 599 38.15 -17.00 6.17
N LEU A 600 37.46 -15.93 5.94
CA LEU A 600 36.20 -15.98 5.20
C LEU A 600 36.38 -15.33 3.83
N ARG A 601 35.70 -15.90 2.81
CA ARG A 601 35.55 -15.27 1.50
C ARG A 601 34.90 -13.92 1.57
N GLN A 602 35.53 -12.90 0.96
CA GLN A 602 35.00 -11.57 0.89
C GLN A 602 34.31 -11.33 -0.43
N ASP A 603 34.43 -12.28 -1.37
CA ASP A 603 33.66 -12.23 -2.60
C ASP A 603 32.19 -12.65 -2.47
N LEU A 604 31.77 -13.23 -1.34
CA LEU A 604 30.30 -13.60 -1.11
C LEU A 604 29.67 -12.75 0.02
N ALA A 605 28.65 -11.93 -0.30
CA ALA A 605 28.00 -11.15 0.74
C ALA A 605 26.89 -12.08 1.29
N VAL A 606 26.39 -11.77 2.46
CA VAL A 606 25.52 -12.58 3.16
C VAL A 606 24.28 -11.83 3.65
N THR A 607 23.08 -12.50 3.68
CA THR A 607 21.95 -11.88 4.25
C THR A 607 21.08 -13.00 4.79
N GLY A 608 20.31 -12.73 5.80
CA GLY A 608 19.51 -13.83 6.44
C GLY A 608 19.30 -13.54 7.91
N ALA A 609 18.22 -14.03 8.51
CA ALA A 609 18.06 -13.74 9.94
C ALA A 609 18.38 -15.18 10.48
N VAL A 610 18.60 -15.34 11.73
CA VAL A 610 18.93 -16.66 12.28
C VAL A 610 18.08 -16.73 13.54
N ASP A 611 17.61 -17.94 13.86
CA ASP A 611 16.93 -18.11 15.14
C ASP A 611 17.86 -18.81 16.14
N GLN A 612 17.41 -19.00 17.41
CA GLN A 612 18.30 -19.60 18.45
C GLN A 612 18.80 -20.96 18.17
N THR A 613 18.14 -21.67 17.25
CA THR A 613 18.54 -22.98 16.91
C THR A 613 19.52 -22.97 15.76
N GLY A 614 19.91 -21.79 15.27
CA GLY A 614 20.83 -21.65 14.07
C GLY A 614 20.20 -21.84 12.65
N LYS A 615 18.86 -21.88 12.57
CA LYS A 615 18.12 -21.97 11.35
C LYS A 615 18.07 -20.58 10.68
N VAL A 616 18.18 -20.49 9.33
CA VAL A 616 18.23 -19.22 8.65
C VAL A 616 16.82 -18.84 8.25
N LEU A 617 16.45 -17.61 8.41
CA LEU A 617 15.11 -17.25 8.16
C LEU A 617 15.01 -16.26 7.15
N ALA A 618 13.80 -16.14 6.57
CA ALA A 618 13.51 -15.14 5.51
C ALA A 618 13.82 -13.70 5.84
N VAL A 619 14.25 -12.90 4.83
CA VAL A 619 14.48 -11.46 5.06
C VAL A 619 13.72 -10.69 3.99
N GLY A 620 13.58 -9.42 4.13
CA GLY A 620 12.78 -8.62 3.19
C GLY A 620 13.81 -8.09 2.10
N ALA A 621 13.29 -7.44 1.08
CA ALA A 621 14.08 -6.66 0.06
C ALA A 621 15.19 -7.52 -0.59
N ILE A 622 14.87 -8.79 -0.86
CA ILE A 622 15.89 -9.71 -1.26
C ILE A 622 16.45 -9.30 -2.61
N ASN A 623 15.61 -8.82 -3.54
CA ASN A 623 16.13 -8.54 -4.88
C ASN A 623 17.06 -7.35 -4.76
N ALA A 624 16.70 -6.36 -3.90
CA ALA A 624 17.55 -5.17 -3.75
C ALA A 624 18.92 -5.52 -3.19
N LYS A 625 18.93 -6.38 -2.20
CA LYS A 625 20.13 -6.76 -1.61
C LYS A 625 21.02 -7.36 -2.67
N VAL A 626 20.59 -8.49 -3.22
CA VAL A 626 21.36 -9.13 -4.35
C VAL A 626 21.89 -8.18 -5.39
N GLU A 627 21.03 -7.37 -6.04
CA GLU A 627 21.43 -6.54 -7.06
C GLU A 627 22.37 -5.47 -6.63
N GLY A 628 22.18 -4.96 -5.39
CA GLY A 628 23.13 -3.97 -4.91
C GLY A 628 24.50 -4.57 -4.61
N PHE A 629 24.63 -5.83 -4.25
CA PHE A 629 25.98 -6.33 -4.16
C PHE A 629 26.58 -6.57 -5.60
N PHE A 630 25.71 -6.95 -6.55
CA PHE A 630 26.22 -7.02 -7.97
C PHE A 630 26.78 -5.69 -8.49
N ARG A 631 26.13 -4.59 -8.13
CA ARG A 631 26.48 -3.25 -8.66
C ARG A 631 27.87 -2.86 -8.14
N VAL A 632 28.13 -3.21 -6.89
CA VAL A 632 29.39 -2.92 -6.26
C VAL A 632 30.49 -3.80 -6.82
N CYS A 633 30.19 -5.06 -6.94
CA CYS A 633 31.14 -5.99 -7.60
C CYS A 633 31.44 -5.58 -9.06
N LYS A 634 30.40 -5.25 -9.80
CA LYS A 634 30.51 -4.70 -11.13
C LYS A 634 31.39 -3.38 -11.18
N ALA A 635 31.16 -2.44 -10.28
CA ALA A 635 31.81 -1.13 -10.28
C ALA A 635 33.29 -1.29 -9.93
N LEU A 636 33.59 -2.30 -9.15
CA LEU A 636 35.00 -2.59 -8.88
C LEU A 636 35.69 -3.64 -9.80
N GLY A 637 34.96 -4.18 -10.80
CA GLY A 637 35.50 -5.21 -11.67
C GLY A 637 35.15 -6.60 -11.16
N LEU A 638 34.26 -7.27 -11.86
CA LEU A 638 33.84 -8.68 -11.49
C LEU A 638 34.96 -9.62 -11.47
N SER A 639 35.09 -10.43 -10.47
CA SER A 639 36.29 -11.24 -10.50
C SER A 639 35.93 -12.61 -11.13
N GLY A 640 34.65 -12.91 -11.33
CA GLY A 640 34.24 -14.36 -11.66
C GLY A 640 33.77 -15.25 -10.52
N THR A 641 34.06 -14.90 -9.25
CA THR A 641 33.69 -15.82 -8.15
C THR A 641 32.84 -15.12 -7.07
N GLN A 642 32.36 -13.89 -7.37
CA GLN A 642 31.47 -13.16 -6.42
C GLN A 642 30.02 -13.68 -6.38
N GLY A 643 29.31 -13.34 -5.31
CA GLY A 643 27.99 -13.90 -5.25
C GLY A 643 27.38 -13.58 -3.87
N VAL A 644 26.26 -14.19 -3.57
CA VAL A 644 25.53 -13.81 -2.33
C VAL A 644 25.08 -15.13 -1.76
N ILE A 645 25.07 -15.23 -0.44
CA ILE A 645 24.44 -16.33 0.25
C ILE A 645 23.19 -15.80 0.91
N LEU A 646 22.02 -16.48 0.70
CA LEU A 646 20.78 -15.92 1.18
C LEU A 646 19.84 -17.10 1.70
N PRO A 647 18.72 -16.77 2.37
CA PRO A 647 17.96 -17.84 2.93
C PRO A 647 17.21 -18.67 1.84
N GLU A 648 17.33 -19.97 1.98
CA GLU A 648 16.44 -20.85 1.12
C GLU A 648 14.97 -20.50 1.20
N ALA A 649 14.55 -19.91 2.33
CA ALA A 649 13.18 -19.56 2.45
C ALA A 649 12.83 -18.33 1.61
N ASN A 650 13.78 -17.59 1.04
CA ASN A 650 13.46 -16.46 0.13
C ASN A 650 13.46 -16.86 -1.43
N LEU A 651 13.67 -18.13 -1.74
CA LEU A 651 13.80 -18.60 -3.22
C LEU A 651 12.63 -18.02 -4.06
N ALA A 652 11.46 -18.06 -3.46
CA ALA A 652 10.32 -17.60 -4.14
C ALA A 652 10.17 -16.12 -4.21
N ASN A 653 10.99 -15.38 -3.45
CA ASN A 653 10.93 -13.99 -3.68
C ASN A 653 12.00 -13.49 -4.67
N LEU A 654 12.94 -14.31 -5.15
CA LEU A 654 13.95 -13.87 -6.18
C LEU A 654 13.29 -13.67 -7.45
N THR A 655 13.04 -12.41 -7.76
CA THR A 655 12.74 -12.11 -9.16
C THR A 655 13.81 -11.15 -9.75
N LEU A 656 15.03 -11.65 -9.88
CA LEU A 656 16.20 -10.80 -10.16
C LEU A 656 16.13 -10.09 -11.50
N ARG A 657 16.74 -8.92 -11.59
CA ARG A 657 16.81 -8.14 -12.90
C ARG A 657 17.64 -8.90 -13.90
N ALA A 658 17.44 -8.53 -15.12
CA ALA A 658 18.20 -9.23 -16.28
C ALA A 658 19.64 -9.30 -16.17
N GLU A 659 20.31 -8.16 -15.76
CA GLU A 659 21.73 -8.20 -15.74
C GLU A 659 22.32 -9.20 -14.78
N VAL A 660 21.66 -9.36 -13.60
CA VAL A 660 22.17 -10.36 -12.70
C VAL A 660 21.94 -11.76 -13.19
N LEU A 661 20.74 -12.01 -13.70
CA LEU A 661 20.42 -13.43 -14.17
C LEU A 661 21.47 -13.84 -15.31
N GLU A 662 21.74 -12.86 -16.12
CA GLU A 662 22.86 -13.06 -17.24
C GLU A 662 24.19 -13.36 -16.71
N ALA A 663 24.60 -12.64 -15.65
CA ALA A 663 25.84 -12.95 -15.00
C ALA A 663 25.83 -14.26 -14.38
N VAL A 664 24.73 -14.64 -13.67
CA VAL A 664 24.72 -15.92 -13.11
C VAL A 664 24.84 -17.00 -14.27
N ARG A 665 24.02 -16.76 -15.27
CA ARG A 665 24.08 -17.75 -16.53
C ARG A 665 25.49 -17.82 -17.09
N ALA A 666 26.28 -16.69 -17.03
CA ALA A 666 27.64 -16.73 -17.56
C ALA A 666 28.63 -17.24 -16.60
N GLY A 667 28.21 -17.63 -15.41
CA GLY A 667 29.23 -18.14 -14.46
C GLY A 667 29.99 -16.97 -13.78
N GLN A 668 29.56 -15.73 -13.95
CA GLN A 668 30.37 -14.59 -13.40
C GLN A 668 29.80 -14.08 -12.03
N PHE A 669 28.73 -14.71 -11.58
CA PHE A 669 28.13 -14.34 -10.26
C PHE A 669 27.35 -15.56 -9.81
N HIS A 670 27.17 -15.77 -8.50
CA HIS A 670 26.73 -16.99 -7.92
C HIS A 670 25.80 -16.75 -6.75
N ILE A 671 24.69 -17.53 -6.69
CA ILE A 671 23.71 -17.36 -5.60
C ILE A 671 23.71 -18.67 -4.87
N TYR A 672 23.80 -18.62 -3.53
CA TYR A 672 23.72 -19.82 -2.71
C TYR A 672 22.57 -19.65 -1.74
N ALA A 673 21.74 -20.68 -1.58
CA ALA A 673 20.63 -20.64 -0.65
C ALA A 673 20.90 -21.59 0.48
N VAL A 674 20.67 -21.18 1.76
CA VAL A 674 21.07 -22.05 2.85
C VAL A 674 19.89 -22.08 3.80
N GLU A 675 19.91 -23.18 4.52
CA GLU A 675 18.90 -23.46 5.59
C GLU A 675 19.44 -23.26 6.97
N THR A 676 20.74 -23.45 7.18
CA THR A 676 21.28 -23.28 8.47
C THR A 676 22.52 -22.42 8.42
N ALA A 677 22.79 -21.78 9.55
CA ALA A 677 23.95 -20.91 9.72
C ALA A 677 25.28 -21.71 9.53
N GLU A 678 25.30 -22.92 10.00
CA GLU A 678 26.51 -23.75 9.70
C GLU A 678 26.73 -23.92 8.12
N GLN A 679 25.66 -24.09 7.35
CA GLN A 679 25.91 -24.23 5.88
C GLN A 679 26.54 -22.95 5.30
N ALA A 680 26.19 -21.76 5.84
CA ALA A 680 26.75 -20.46 5.38
C ALA A 680 28.21 -20.45 5.77
N LEU A 681 28.47 -20.82 7.00
CA LEU A 681 29.89 -20.74 7.40
C LEU A 681 30.74 -21.65 6.52
N GLU A 682 30.20 -22.82 6.18
CA GLU A 682 31.01 -23.83 5.32
C GLU A 682 31.30 -23.29 3.96
N ILE A 683 30.35 -22.52 3.42
CA ILE A 683 30.60 -21.92 2.13
C ILE A 683 31.65 -20.85 2.32
N LEU A 684 31.49 -20.01 3.34
CA LEU A 684 32.38 -18.83 3.34
C LEU A 684 33.80 -19.26 3.79
N ALA A 685 33.91 -20.26 4.58
CA ALA A 685 35.21 -20.68 5.05
C ALA A 685 35.87 -21.77 4.22
N GLY A 686 35.14 -22.21 3.18
CA GLY A 686 35.57 -23.27 2.23
C GLY A 686 35.86 -24.65 2.76
N ALA A 687 35.13 -25.10 3.80
CA ALA A 687 35.43 -26.40 4.43
C ALA A 687 34.19 -26.88 5.17
N ARG A 688 34.13 -28.20 5.45
CA ARG A 688 32.98 -28.85 6.11
C ARG A 688 33.04 -28.63 7.63
N GLU A 690 32.44 -30.98 9.85
CA GLU A 690 33.18 -32.19 10.25
C GLU A 690 34.29 -32.57 9.27
N GLY A 691 34.88 -33.75 9.45
CA GLY A 691 36.25 -34.07 8.98
C GLY A 691 37.14 -33.72 10.16
N PHE A 692 38.45 -33.55 9.96
CA PHE A 692 39.36 -33.32 11.15
C PHE A 692 40.12 -31.98 11.41
N ARG A 693 40.66 -31.21 10.44
CA ARG A 693 40.34 -31.20 9.01
C ARG A 693 39.08 -30.31 8.77
N GLY A 694 38.35 -29.99 9.86
CA GLY A 694 36.99 -29.45 9.79
C GLY A 694 36.87 -28.19 10.62
N LEU A 695 35.81 -27.43 10.34
CA LEU A 695 35.58 -26.18 11.03
C LEU A 695 35.29 -26.38 12.48
N GLN A 696 34.48 -27.37 12.86
CA GLN A 696 34.14 -27.54 14.27
C GLN A 696 35.42 -27.71 15.09
N GLU A 697 36.42 -28.39 14.52
CA GLU A 697 37.66 -28.56 15.27
C GLU A 697 38.42 -27.27 15.47
N LYS A 698 38.38 -26.46 14.42
CA LYS A 698 39.15 -25.23 14.53
C LYS A 698 38.47 -24.25 15.53
N ILE A 699 37.16 -24.27 15.57
CA ILE A 699 36.41 -23.44 16.51
C ILE A 699 36.69 -23.97 17.93
N ARG A 700 36.64 -25.30 18.13
CA ARG A 700 37.04 -25.91 19.42
C ARG A 700 38.39 -25.38 19.83
N ALA A 701 39.37 -25.51 18.94
CA ALA A 701 40.79 -25.20 19.32
C ALA A 701 40.81 -23.72 19.68
N GLY A 702 40.04 -22.90 18.94
CA GLY A 702 40.00 -21.42 19.20
C GLY A 702 39.51 -21.16 20.62
N LEU A 703 38.31 -21.65 20.91
CA LEU A 703 37.72 -21.46 22.22
C LEU A 703 38.66 -21.98 23.33
N GLU A 704 39.19 -23.17 23.18
CA GLU A 704 40.19 -23.66 24.19
C GLU A 704 41.40 -22.70 24.36
N ALA A 705 41.88 -22.06 23.27
CA ALA A 705 42.99 -21.10 23.44
C ALA A 705 42.55 -19.90 24.28
N PHE A 706 41.37 -19.35 23.96
CA PHE A 706 40.82 -18.28 24.79
C PHE A 706 40.64 -18.73 26.24
N ALA A 707 40.07 -19.93 26.40
CA ALA A 707 39.78 -20.43 27.73
C ALA A 707 41.08 -20.49 28.57
N ARG A 708 42.17 -21.06 28.04
CA ARG A 708 43.49 -21.04 28.69
C ARG A 708 43.95 -19.59 28.99
N LEU A 709 43.85 -18.71 27.99
CA LEU A 709 44.25 -17.27 28.15
C LEU A 709 43.58 -16.58 29.32
N GLU A 710 42.30 -16.89 29.53
CA GLU A 710 41.59 -16.51 30.73
C GLU A 710 42.24 -17.14 31.95
#